data_6RVU
#
_entry.id   6RVU
#
_cell.length_a   37.259
_cell.length_b   44.586
_cell.length_c   116.872
_cell.angle_alpha   90.000
_cell.angle_beta   90.000
_cell.angle_gamma   90.000
#
_symmetry.space_group_name_H-M   'P 21 21 21'
#
loop_
_entity.id
_entity.type
_entity.pdbx_description
1 polymer 'Lethal Factor 1 (BLF1)'
2 non-polymer 1,2-ETHANEDIOL
3 water water
#
_entity_poly.entity_id   1
_entity_poly.type   'polypeptide(L)'
_entity_poly.pdbx_seq_one_letter_code
;MGSSHHHHHHSSGLVPRGSHMPNSLEAQIRQAMKTGSTLTIEFDQALNQKSPGTLNVFLHPANGGVRIDLDSGNQGEPAK
ILWLPWKQGELQTLQPGSISTVDMLFFTYYLSGCKVFAGDGGPVWHIDAPVEANQFWRRMSSDEWMEDWEVGTDRQVAYL
HRAGQSDSLWNLSAYLEGAAPSTYGRDNLGQAVVGGIVTGRQQMSLYQYATTSSGSSAWSPLTYTLQQRKQ
;
_entity_poly.pdbx_strand_id   A
#
loop_
_chem_comp.id
_chem_comp.type
_chem_comp.name
_chem_comp.formula
EDO non-polymer 1,2-ETHANEDIOL 'C2 H6 O2'
#
# COMPACT_ATOMS: atom_id res chain seq x y z
N PRO A 22 -6.71 -0.70 -27.26
CA PRO A 22 -7.05 -0.76 -25.81
C PRO A 22 -7.46 0.61 -25.27
N ASN A 23 -7.89 0.62 -24.01
CA ASN A 23 -8.16 1.87 -23.29
C ASN A 23 -6.85 2.48 -22.78
N SER A 24 -6.98 3.58 -22.05
CA SER A 24 -5.83 4.25 -21.43
C SER A 24 -5.07 3.27 -20.58
N LEU A 25 -3.80 3.57 -20.33
CA LEU A 25 -3.01 2.77 -19.38
C LEU A 25 -3.62 2.83 -17.99
N GLU A 26 -4.12 3.99 -17.58
CA GLU A 26 -4.77 4.10 -16.26
C GLU A 26 -5.96 3.15 -16.17
N ALA A 27 -6.80 3.14 -17.21
CA ALA A 27 -7.94 2.23 -17.26
C ALA A 27 -7.48 0.78 -17.27
N GLN A 28 -6.41 0.50 -17.98
CA GLN A 28 -5.92 -0.90 -18.02
C GLN A 28 -5.46 -1.33 -16.63
N ILE A 29 -4.83 -0.46 -15.87
CA ILE A 29 -4.43 -0.84 -14.49
C ILE A 29 -5.67 -1.06 -13.64
N ARG A 30 -6.64 -0.16 -13.68
CA ARG A 30 -7.85 -0.39 -12.87
CA ARG A 30 -7.90 -0.33 -12.91
C ARG A 30 -8.52 -1.69 -13.27
N GLN A 31 -8.58 -1.98 -14.56
CA GLN A 31 -9.22 -3.22 -15.00
C GLN A 31 -8.42 -4.44 -14.53
N ALA A 32 -7.09 -4.39 -14.58
CA ALA A 32 -6.26 -5.53 -14.13
C ALA A 32 -6.49 -5.76 -12.64
N MET A 33 -6.51 -4.68 -11.87
CA MET A 33 -6.76 -4.79 -10.42
C MET A 33 -8.10 -5.50 -10.17
N LYS A 34 -9.16 -5.00 -10.80
CA LYS A 34 -10.52 -5.45 -10.49
C LYS A 34 -10.75 -6.87 -11.04
N THR A 35 -10.13 -7.21 -12.16
CA THR A 35 -10.30 -8.54 -12.79
C THR A 35 -9.37 -9.57 -12.18
N GLY A 36 -8.37 -9.16 -11.41
CA GLY A 36 -7.41 -10.11 -10.88
C GLY A 36 -6.52 -10.67 -11.98
N SER A 37 -6.12 -9.81 -12.90
CA SER A 37 -5.21 -10.15 -14.01
CA SER A 37 -5.20 -10.23 -13.97
C SER A 37 -3.77 -9.79 -13.64
N THR A 38 -2.82 -10.21 -14.45
CA THR A 38 -1.42 -9.88 -14.24
C THR A 38 -1.09 -8.66 -15.06
N LEU A 39 -0.62 -7.62 -14.39
CA LEU A 39 -0.17 -6.37 -15.04
CA LEU A 39 -0.18 -6.36 -15.04
C LEU A 39 0.78 -5.70 -14.07
N THR A 40 2.06 -5.84 -14.31
CA THR A 40 3.07 -5.36 -13.35
C THR A 40 3.23 -3.85 -13.43
N ILE A 41 3.80 -3.31 -12.36
CA ILE A 41 4.08 -1.87 -12.24
C ILE A 41 5.58 -1.74 -12.01
N GLU A 42 6.20 -0.87 -12.81
CA GLU A 42 7.61 -0.50 -12.67
C GLU A 42 7.66 0.93 -12.20
N PHE A 43 8.13 1.17 -10.98
CA PHE A 43 8.23 2.53 -10.42
C PHE A 43 9.62 3.08 -10.64
N ASP A 44 9.74 4.27 -11.17
CA ASP A 44 11.02 4.98 -11.16
C ASP A 44 11.37 5.33 -9.70
N GLN A 45 12.59 5.04 -9.27
CA GLN A 45 13.00 5.33 -7.88
C GLN A 45 12.89 6.84 -7.62
N ALA A 46 12.92 7.68 -8.64
CA ALA A 46 12.81 9.15 -8.48
C ALA A 46 11.48 9.52 -7.83
N LEU A 47 10.46 8.68 -7.96
CA LEU A 47 9.15 8.99 -7.35
C LEU A 47 9.29 9.11 -5.84
N ASN A 48 10.28 8.47 -5.23
CA ASN A 48 10.44 8.55 -3.76
C ASN A 48 10.90 9.94 -3.32
N GLN A 49 11.26 10.83 -4.23
CA GLN A 49 11.54 12.24 -3.89
C GLN A 49 10.26 13.05 -3.89
N LYS A 50 9.12 12.44 -4.21
CA LYS A 50 7.85 13.17 -4.24
C LYS A 50 7.11 12.85 -2.96
N SER A 51 6.56 13.88 -2.35
CA SER A 51 5.84 13.76 -1.07
C SER A 51 4.57 12.94 -1.23
N PRO A 52 4.07 12.38 -0.11
CA PRO A 52 2.76 11.72 -0.15
C PRO A 52 1.67 12.70 -0.55
N GLY A 53 0.66 12.16 -1.22
CA GLY A 53 -0.53 12.92 -1.63
C GLY A 53 -0.77 12.78 -3.09
N THR A 54 -1.50 13.68 -3.69
CA THR A 54 -1.73 13.60 -5.13
C THR A 54 -0.43 13.92 -5.86
N LEU A 55 -0.29 13.34 -7.05
CA LEU A 55 0.94 13.47 -7.84
C LEU A 55 0.61 13.29 -9.31
N ASN A 56 1.11 14.19 -10.13
CA ASN A 56 1.00 14.06 -11.59
C ASN A 56 2.20 13.25 -12.11
N VAL A 57 1.91 12.10 -12.67
CA VAL A 57 2.91 11.16 -13.20
C VAL A 57 2.62 10.91 -14.66
N PHE A 58 3.51 10.12 -15.27
CA PHE A 58 3.31 9.57 -16.62
C PHE A 58 3.33 8.06 -16.54
N LEU A 59 2.39 7.46 -17.24
CA LEU A 59 2.30 6.01 -17.40
C LEU A 59 2.82 5.65 -18.79
N HIS A 60 3.57 4.57 -18.87
CA HIS A 60 4.12 4.11 -20.16
C HIS A 60 3.92 2.63 -20.31
N PRO A 61 3.79 2.14 -21.55
CA PRO A 61 3.83 0.71 -21.78
C PRO A 61 5.16 0.14 -21.30
N ALA A 62 5.11 -1.04 -20.71
CA ALA A 62 6.29 -1.76 -20.25
C ALA A 62 6.06 -3.24 -20.56
N ASN A 63 7.10 -4.04 -20.49
CA ASN A 63 7.01 -5.50 -20.74
C ASN A 63 6.14 -6.13 -19.66
N GLY A 64 4.94 -6.58 -20.03
CA GLY A 64 3.97 -7.21 -19.12
C GLY A 64 3.30 -6.24 -18.13
N GLY A 65 3.40 -4.94 -18.39
CA GLY A 65 2.81 -4.00 -17.43
C GLY A 65 3.02 -2.57 -17.85
N VAL A 66 3.18 -1.73 -16.85
CA VAL A 66 3.20 -0.27 -16.99
C VAL A 66 4.35 0.29 -16.16
N ARG A 67 5.05 1.26 -16.73
CA ARG A 67 6.07 2.03 -16.00
C ARG A 67 5.47 3.35 -15.57
N ILE A 68 5.72 3.72 -14.32
CA ILE A 68 5.23 4.99 -13.74
C ILE A 68 6.46 5.84 -13.46
N ASP A 69 6.53 7.01 -14.06
CA ASP A 69 7.70 7.90 -13.89
C ASP A 69 7.26 9.33 -14.14
N LEU A 70 8.25 10.21 -14.30
CA LEU A 70 8.01 11.65 -14.49
C LEU A 70 8.39 12.08 -15.91
N ASP A 71 8.49 11.16 -16.83
CA ASP A 71 8.94 11.37 -18.24
C ASP A 71 7.74 11.57 -19.13
N SER A 72 7.61 12.74 -19.73
CA SER A 72 6.46 13.05 -20.62
C SER A 72 6.52 12.38 -21.98
N GLY A 73 7.71 11.91 -22.36
CA GLY A 73 7.87 11.28 -23.70
C GLY A 73 7.60 9.78 -23.68
N ASN A 74 8.09 9.05 -24.67
CA ASN A 74 8.07 7.55 -24.67
C ASN A 74 6.66 7.02 -24.42
N GLN A 75 5.71 7.48 -25.24
CA GLN A 75 4.31 7.00 -25.19
C GLN A 75 3.69 7.26 -23.82
N GLY A 76 4.14 8.32 -23.15
CA GLY A 76 3.66 8.62 -21.81
C GLY A 76 2.24 9.14 -21.81
N GLU A 77 1.48 8.70 -20.84
CA GLU A 77 0.09 9.13 -20.66
C GLU A 77 0.03 9.79 -19.29
N PRO A 78 -0.34 11.08 -19.19
CA PRO A 78 -0.42 11.74 -17.90
C PRO A 78 -1.53 11.12 -17.06
N ALA A 79 -1.24 11.00 -15.77
CA ALA A 79 -2.25 10.54 -14.80
C ALA A 79 -2.03 11.30 -13.50
N LYS A 80 -3.10 11.61 -12.83
CA LYS A 80 -3.04 12.13 -11.46
CA LYS A 80 -3.03 12.13 -11.45
C LYS A 80 -3.36 10.97 -10.54
N ILE A 81 -2.42 10.62 -9.67
CA ILE A 81 -2.56 9.50 -8.75
C ILE A 81 -2.45 9.99 -7.33
N LEU A 82 -2.80 9.12 -6.40
CA LEU A 82 -2.37 9.21 -5.01
C LEU A 82 -1.06 8.44 -4.85
N TRP A 83 -0.12 9.03 -4.20
CA TRP A 83 1.24 8.48 -4.08
C TRP A 83 1.67 8.41 -2.63
N LEU A 84 2.31 7.30 -2.29
CA LEU A 84 2.90 7.08 -0.97
C LEU A 84 4.33 6.63 -1.16
N PRO A 85 5.32 7.52 -1.00
CA PRO A 85 6.72 7.10 -1.17
C PRO A 85 7.19 6.16 -0.05
N TRP A 86 8.33 5.56 -0.33
CA TRP A 86 9.14 4.82 0.66
C TRP A 86 10.29 5.71 1.13
N LYS A 87 10.61 5.62 2.42
CA LYS A 87 11.78 6.29 2.99
C LYS A 87 12.51 5.29 3.88
N GLN A 88 13.81 5.17 3.64
CA GLN A 88 14.64 4.22 4.37
C GLN A 88 14.61 4.50 5.87
N GLY A 89 14.44 3.41 6.62
CA GLY A 89 14.55 3.44 8.09
C GLY A 89 13.37 4.09 8.76
N GLU A 90 12.29 4.38 8.04
CA GLU A 90 11.16 4.98 8.77
C GLU A 90 9.88 4.75 7.98
N LEU A 91 8.85 5.47 8.35
CA LEU A 91 7.55 5.36 7.70
C LEU A 91 7.25 6.61 6.90
N GLN A 92 6.31 6.45 6.00
CA GLN A 92 5.65 7.56 5.28
C GLN A 92 4.15 7.36 5.39
N THR A 93 3.40 8.45 5.35
CA THR A 93 1.97 8.42 5.61
C THR A 93 1.20 9.13 4.49
N LEU A 94 0.18 8.50 3.95
CA LEU A 94 -0.82 9.13 3.08
C LEU A 94 -2.00 9.51 3.96
N GLN A 95 -2.33 10.80 4.00
CA GLN A 95 -3.47 11.28 4.80
C GLN A 95 -4.77 11.12 4.03
N PRO A 96 -5.87 10.76 4.70
CA PRO A 96 -7.12 10.51 3.99
C PRO A 96 -7.74 11.79 3.41
N GLY A 97 -7.38 12.95 3.94
CA GLY A 97 -7.93 14.20 3.39
C GLY A 97 -7.51 14.35 1.94
N SER A 98 -6.44 13.67 1.53
CA SER A 98 -5.96 13.72 0.13
C SER A 98 -6.94 13.01 -0.82
N ILE A 99 -7.76 12.10 -0.30
CA ILE A 99 -8.50 11.12 -1.12
C ILE A 99 -9.88 11.66 -1.47
N SER A 100 -10.15 11.92 -2.75
CA SER A 100 -11.38 12.64 -3.17
C SER A 100 -11.99 12.00 -4.43
N THR A 101 -11.17 11.76 -5.44
CA THR A 101 -11.66 11.61 -6.82
C THR A 101 -11.94 10.14 -7.11
N VAL A 102 -13.19 9.79 -7.28
CA VAL A 102 -13.56 8.39 -7.62
C VAL A 102 -12.78 7.96 -8.84
N ASP A 103 -12.27 6.73 -8.75
CA ASP A 103 -11.50 6.02 -9.79
C ASP A 103 -10.05 6.46 -9.86
N MET A 104 -9.62 7.47 -9.10
CA MET A 104 -8.19 7.77 -9.06
C MET A 104 -7.43 6.54 -8.55
N LEU A 105 -6.30 6.28 -9.14
CA LEU A 105 -5.41 5.22 -8.68
C LEU A 105 -4.54 5.70 -7.54
N PHE A 106 -4.26 4.77 -6.63
CA PHE A 106 -3.30 4.90 -5.54
C PHE A 106 -2.17 3.94 -5.77
N PHE A 107 -0.94 4.38 -5.53
CA PHE A 107 0.22 3.48 -5.44
C PHE A 107 1.10 3.88 -4.29
N THR A 108 1.74 2.89 -3.69
CA THR A 108 2.95 3.11 -2.89
C THR A 108 4.12 2.47 -3.62
N TYR A 109 5.34 2.85 -3.26
CA TYR A 109 6.54 2.23 -3.80
C TYR A 109 6.57 0.75 -3.39
N TYR A 110 7.41 -0.03 -4.05
CA TYR A 110 7.58 -1.45 -3.76
C TYR A 110 7.75 -1.68 -2.26
N LEU A 111 7.18 -2.78 -1.78
CA LEU A 111 7.43 -3.28 -0.42
C LEU A 111 8.56 -4.31 -0.55
N SER A 112 9.71 -3.98 -0.02
CA SER A 112 10.91 -4.86 -0.08
C SER A 112 11.22 -5.33 1.34
N GLY A 113 10.33 -6.14 1.87
CA GLY A 113 10.31 -6.45 3.31
C GLY A 113 9.56 -5.42 4.12
N CYS A 114 9.10 -4.38 3.47
CA CYS A 114 8.30 -3.32 4.11
C CYS A 114 6.96 -3.86 4.55
N LYS A 115 6.31 -3.08 5.41
N LYS A 115 6.30 -3.08 5.42
CA LYS A 115 4.92 -3.32 5.85
CA LYS A 115 4.91 -3.33 5.83
C LYS A 115 4.05 -2.17 5.34
C LYS A 115 4.05 -2.17 5.34
N VAL A 116 2.79 -2.48 5.06
CA VAL A 116 1.78 -1.43 4.77
C VAL A 116 0.61 -1.66 5.71
N PHE A 117 0.19 -0.60 6.35
CA PHE A 117 -0.96 -0.60 7.27
C PHE A 117 -1.93 0.45 6.75
N ALA A 118 -3.19 0.10 6.58
CA ALA A 118 -4.20 1.04 6.08
C ALA A 118 -5.44 0.95 6.96
N GLY A 119 -5.86 2.08 7.48
CA GLY A 119 -7.17 2.19 8.14
C GLY A 119 -8.24 2.53 7.13
N ASP A 120 -9.39 1.84 7.13
CA ASP A 120 -10.47 2.17 6.17
C ASP A 120 -11.03 3.53 6.54
N GLY A 121 -10.94 4.52 5.66
CA GLY A 121 -11.31 5.91 5.98
C GLY A 121 -10.23 6.65 6.76
N GLY A 122 -9.09 6.03 6.95
CA GLY A 122 -7.95 6.59 7.68
C GLY A 122 -6.70 6.65 6.79
N PRO A 123 -5.54 6.85 7.41
CA PRO A 123 -4.28 6.90 6.67
C PRO A 123 -3.84 5.55 6.13
N VAL A 124 -2.86 5.64 5.24
CA VAL A 124 -2.06 4.49 4.80
C VAL A 124 -0.62 4.79 5.16
N TRP A 125 0.03 3.83 5.80
CA TRP A 125 1.44 3.93 6.17
C TRP A 125 2.26 2.90 5.41
N HIS A 126 3.42 3.31 4.92
CA HIS A 126 4.44 2.41 4.35
C HIS A 126 5.63 2.46 5.28
N ILE A 127 5.92 1.35 5.91
CA ILE A 127 6.96 1.25 6.94
C ILE A 127 8.13 0.43 6.40
N ASP A 128 9.32 0.97 6.42
CA ASP A 128 10.49 0.24 5.89
C ASP A 128 10.71 -1.05 6.71
N ALA A 129 11.27 -2.04 6.02
CA ALA A 129 11.52 -3.39 6.57
C ALA A 129 12.15 -3.38 7.96
N PRO A 130 13.25 -2.64 8.24
CA PRO A 130 13.95 -2.85 9.50
C PRO A 130 13.29 -2.19 10.71
N VAL A 131 12.23 -1.42 10.52
CA VAL A 131 11.62 -0.71 11.67
C VAL A 131 10.85 -1.71 12.50
N GLU A 132 11.17 -1.81 13.78
CA GLU A 132 10.50 -2.75 14.68
C GLU A 132 9.04 -2.37 14.87
N ALA A 133 8.20 -3.36 15.09
CA ALA A 133 6.76 -3.15 15.25
C ALA A 133 6.46 -2.22 16.43
N ASN A 134 7.10 -2.39 17.58
CA ASN A 134 6.78 -1.50 18.70
C ASN A 134 7.13 -0.07 18.32
N GLN A 135 8.22 0.13 17.60
CA GLN A 135 8.64 1.48 17.19
C GLN A 135 7.67 2.09 16.18
N PHE A 136 7.32 1.36 15.13
CA PHE A 136 6.47 1.99 14.10
C PHE A 136 5.04 2.16 14.64
N TRP A 137 4.56 1.27 15.49
CA TRP A 137 3.24 1.48 16.10
C TRP A 137 3.26 2.77 16.91
N ARG A 138 4.30 2.95 17.71
CA ARG A 138 4.40 4.18 18.52
C ARG A 138 4.38 5.39 17.58
N ARG A 139 5.11 5.36 16.48
CA ARG A 139 5.13 6.52 15.55
C ARG A 139 3.75 6.72 14.91
N MET A 140 3.12 5.67 14.44
CA MET A 140 1.77 5.78 13.84
CA MET A 140 1.76 5.76 13.83
C MET A 140 0.81 6.41 14.84
N SER A 141 0.96 6.02 16.11
CA SER A 141 -0.11 6.30 17.09
CA SER A 141 0.05 6.30 17.26
C SER A 141 -0.20 7.80 17.37
N SER A 142 0.76 8.62 16.96
CA SER A 142 0.67 10.07 17.11
C SER A 142 -0.33 10.66 16.13
N ASP A 143 -0.67 9.94 15.07
CA ASP A 143 -1.59 10.48 14.04
C ASP A 143 -2.95 10.73 14.66
N GLU A 144 -3.64 11.76 14.20
CA GLU A 144 -4.98 12.07 14.71
C GLU A 144 -5.94 10.89 14.59
N TRP A 145 -5.87 10.15 13.49
CA TRP A 145 -6.83 9.03 13.31
C TRP A 145 -6.58 7.95 14.36
N MET A 146 -5.32 7.73 14.68
CA MET A 146 -4.95 6.77 15.74
C MET A 146 -5.37 7.31 17.11
N GLU A 147 -5.14 8.59 17.38
CA GLU A 147 -5.53 9.16 18.67
C GLU A 147 -7.06 9.07 18.85
N ASP A 148 -7.80 9.12 17.76
CA ASP A 148 -9.27 9.00 17.79
C ASP A 148 -9.74 7.55 17.92
N TRP A 149 -8.82 6.58 17.81
CA TRP A 149 -9.18 5.16 17.90
C TRP A 149 -9.07 4.72 19.35
N GLU A 150 -10.19 4.77 20.05
CA GLU A 150 -10.22 4.47 21.49
C GLU A 150 -9.95 3.00 21.76
N VAL A 151 -9.22 2.74 22.84
CA VAL A 151 -9.02 1.35 23.29
C VAL A 151 -10.37 0.67 23.48
N GLY A 152 -10.47 -0.56 23.02
CA GLY A 152 -11.68 -1.38 23.18
C GLY A 152 -12.68 -1.13 22.07
N THR A 153 -12.35 -0.33 21.07
CA THR A 153 -13.23 -0.04 19.93
C THR A 153 -12.57 -0.54 18.65
N ASP A 154 -13.36 -0.61 17.60
CA ASP A 154 -12.96 -1.34 16.38
C ASP A 154 -12.76 -0.40 15.22
N ARG A 155 -11.88 -0.80 14.32
CA ARG A 155 -11.71 -0.19 13.00
C ARG A 155 -11.54 -1.30 11.98
N GLN A 156 -11.70 -0.96 10.72
CA GLN A 156 -11.40 -1.87 9.59
C GLN A 156 -9.98 -1.56 9.13
N VAL A 157 -9.12 -2.56 9.12
CA VAL A 157 -7.67 -2.37 8.90
C VAL A 157 -7.18 -3.41 7.89
N ALA A 158 -6.42 -2.97 6.94
CA ALA A 158 -5.64 -3.83 6.04
C ALA A 158 -4.19 -3.75 6.50
N TYR A 159 -3.54 -4.89 6.66
CA TYR A 159 -2.14 -4.92 7.12
C TYR A 159 -1.44 -6.02 6.37
N LEU A 160 -0.30 -5.68 5.80
CA LEU A 160 0.47 -6.58 4.92
C LEU A 160 1.92 -6.57 5.35
N HIS A 161 2.47 -7.76 5.59
CA HIS A 161 3.89 -7.92 5.91
C HIS A 161 4.45 -9.12 5.17
N ARG A 162 5.77 -9.24 5.18
CA ARG A 162 6.43 -10.37 4.49
C ARG A 162 6.41 -11.60 5.38
N ALA A 163 5.96 -12.71 4.83
CA ALA A 163 5.96 -13.99 5.56
C ALA A 163 7.40 -14.45 5.81
N GLY A 164 7.63 -14.92 7.03
CA GLY A 164 8.93 -15.43 7.44
C GLY A 164 9.89 -14.36 7.92
N GLN A 165 9.48 -13.09 7.86
CA GLN A 165 10.25 -12.05 8.54
C GLN A 165 10.11 -12.23 10.05
N SER A 166 11.15 -11.88 10.79
N SER A 166 11.16 -11.88 10.77
CA SER A 166 11.08 -11.88 12.26
CA SER A 166 11.14 -11.89 12.25
C SER A 166 9.82 -11.15 12.75
C SER A 166 9.92 -11.13 12.76
N ASP A 167 9.11 -11.74 13.69
N ASP A 167 9.19 -11.72 13.69
CA ASP A 167 7.88 -11.14 14.28
CA ASP A 167 7.91 -11.12 14.11
C ASP A 167 8.22 -9.75 14.80
C ASP A 167 8.16 -9.82 14.88
N SER A 168 9.40 -9.56 15.38
N SER A 168 9.37 -9.56 15.34
CA SER A 168 9.83 -8.26 15.94
CA SER A 168 9.64 -8.26 15.99
C SER A 168 9.53 -7.11 14.98
C SER A 168 9.52 -7.10 14.99
N LEU A 169 9.59 -7.39 13.68
CA LEU A 169 9.50 -6.33 12.65
C LEU A 169 8.05 -6.11 12.21
N TRP A 170 7.08 -6.92 12.64
CA TRP A 170 5.72 -6.76 12.09
C TRP A 170 4.61 -7.09 13.06
N ASN A 171 4.83 -7.85 14.11
CA ASN A 171 3.69 -8.41 14.86
C ASN A 171 3.05 -7.32 15.71
N LEU A 172 1.78 -7.04 15.44
CA LEU A 172 0.98 -6.05 16.15
C LEU A 172 -0.05 -6.71 17.07
N SER A 173 0.11 -7.98 17.40
CA SER A 173 -0.86 -8.68 18.25
C SER A 173 -0.97 -8.09 19.67
N ALA A 174 0.04 -7.38 20.14
CA ALA A 174 -0.10 -6.71 21.45
C ALA A 174 -1.09 -5.57 21.38
N TYR A 175 -1.31 -5.05 20.20
CA TYR A 175 -2.07 -3.81 19.99
C TYR A 175 -3.44 -4.04 19.39
N LEU A 176 -3.57 -5.08 18.58
CA LEU A 176 -4.78 -5.31 17.77
C LEU A 176 -5.28 -6.71 17.98
N GLU A 177 -6.57 -6.82 18.12
CA GLU A 177 -7.31 -8.07 18.29
C GLU A 177 -8.17 -8.28 17.06
N GLY A 178 -7.98 -9.40 16.39
CA GLY A 178 -8.74 -9.69 15.17
C GLY A 178 -7.98 -10.60 14.26
N ALA A 179 -8.44 -10.62 13.01
CA ALA A 179 -7.86 -11.44 11.94
C ALA A 179 -6.35 -11.26 11.84
N ALA A 180 -5.70 -12.31 11.41
CA ALA A 180 -4.28 -12.27 11.11
C ALA A 180 -4.01 -11.31 9.97
N PRO A 181 -2.78 -10.80 9.89
CA PRO A 181 -2.39 -9.96 8.77
C PRO A 181 -2.42 -10.70 7.45
N SER A 182 -2.47 -9.94 6.39
CA SER A 182 -2.13 -10.44 5.06
C SER A 182 -0.62 -10.57 4.93
N THR A 183 -0.15 -11.49 4.08
CA THR A 183 1.29 -11.65 3.87
C THR A 183 1.62 -11.72 2.41
N TYR A 184 2.88 -11.43 2.11
CA TYR A 184 3.47 -11.68 0.80
C TYR A 184 4.78 -12.39 1.01
N GLY A 185 5.21 -13.08 -0.03
CA GLY A 185 6.49 -13.77 0.00
C GLY A 185 6.50 -14.97 0.90
N ARG A 186 7.70 -15.44 1.23
CA ARG A 186 7.86 -16.67 2.02
C ARG A 186 9.32 -16.71 2.45
N ASP A 187 9.58 -17.19 3.65
CA ASP A 187 10.96 -17.34 4.14
C ASP A 187 11.71 -16.02 4.12
N ASN A 188 10.99 -14.93 4.37
CA ASN A 188 11.59 -13.58 4.38
C ASN A 188 12.18 -13.20 3.01
N LEU A 189 11.63 -13.77 1.95
CA LEU A 189 12.02 -13.43 0.57
C LEU A 189 10.79 -12.98 -0.20
N GLY A 190 10.96 -11.98 -1.03
CA GLY A 190 9.89 -11.50 -1.91
C GLY A 190 9.64 -10.04 -1.76
N GLN A 191 8.94 -9.52 -2.74
CA GLN A 191 8.55 -8.11 -2.83
C GLN A 191 7.06 -8.06 -3.11
N ALA A 192 6.42 -6.98 -2.73
CA ALA A 192 5.00 -6.77 -3.05
C ALA A 192 4.82 -5.40 -3.68
N VAL A 193 3.74 -5.27 -4.41
CA VAL A 193 3.17 -3.99 -4.86
C VAL A 193 1.79 -3.86 -4.26
N VAL A 194 1.54 -2.67 -3.69
CA VAL A 194 0.22 -2.29 -3.19
C VAL A 194 -0.24 -1.05 -3.95
N GLY A 195 -1.50 -1.09 -4.38
CA GLY A 195 -2.17 0.08 -4.93
C GLY A 195 -3.62 0.06 -4.53
N GLY A 196 -4.39 0.92 -5.13
CA GLY A 196 -5.78 1.06 -4.77
C GLY A 196 -6.53 1.85 -5.80
N ILE A 197 -7.85 1.85 -5.62
CA ILE A 197 -8.77 2.64 -6.45
C ILE A 197 -9.64 3.44 -5.50
N VAL A 198 -9.69 4.77 -5.67
CA VAL A 198 -10.55 5.61 -4.81
C VAL A 198 -12.01 5.29 -5.09
N THR A 199 -12.79 5.11 -4.02
CA THR A 199 -14.23 4.78 -4.10
C THR A 199 -15.09 5.92 -3.56
N GLY A 200 -14.53 6.91 -2.94
CA GLY A 200 -15.31 8.04 -2.39
C GLY A 200 -14.40 8.90 -1.56
N ARG A 201 -14.96 9.94 -0.96
CA ARG A 201 -14.20 10.85 -0.07
C ARG A 201 -13.57 10.02 1.04
N GLN A 202 -12.25 10.11 1.15
CA GLN A 202 -11.47 9.47 2.22
C GLN A 202 -11.62 7.97 2.17
N GLN A 203 -11.90 7.36 1.01
CA GLN A 203 -12.05 5.90 0.99
C GLN A 203 -11.54 5.28 -0.31
N MET A 204 -10.91 4.12 -0.15
N MET A 204 -10.93 4.12 -0.16
CA MET A 204 -10.27 3.37 -1.26
CA MET A 204 -10.43 3.40 -1.35
C MET A 204 -10.58 1.88 -1.09
C MET A 204 -10.50 1.92 -1.09
N SER A 205 -10.53 1.16 -2.20
N SER A 205 -10.47 1.19 -2.17
CA SER A 205 -10.36 -0.30 -2.24
CA SER A 205 -10.32 -0.26 -2.11
C SER A 205 -8.89 -0.58 -2.56
C SER A 205 -8.90 -0.59 -2.56
N LEU A 206 -8.29 -1.54 -1.86
CA LEU A 206 -6.86 -1.82 -2.02
C LEU A 206 -6.64 -3.11 -2.80
N TYR A 207 -5.53 -3.16 -3.51
CA TYR A 207 -5.15 -4.31 -4.33
C TYR A 207 -3.66 -4.52 -4.17
N GLN A 208 -3.23 -5.76 -4.47
CA GLN A 208 -1.82 -6.13 -4.26
C GLN A 208 -1.41 -7.17 -5.28
N TYR A 209 -0.11 -7.28 -5.50
CA TYR A 209 0.47 -8.50 -6.12
C TYR A 209 1.82 -8.70 -5.49
N ALA A 210 2.41 -9.86 -5.73
CA ALA A 210 3.71 -10.18 -5.18
C ALA A 210 4.61 -10.72 -6.24
N THR A 211 5.90 -10.56 -5.96
CA THR A 211 6.94 -10.98 -6.90
C THR A 211 7.87 -11.91 -6.16
N THR A 212 8.01 -13.12 -6.70
CA THR A 212 8.93 -14.23 -6.29
C THR A 212 10.15 -14.19 -7.22
N SER A 213 11.19 -14.95 -6.91
CA SER A 213 12.32 -15.21 -7.85
C SER A 213 11.78 -15.89 -9.11
N SER A 214 10.53 -16.34 -9.06
CA SER A 214 9.82 -17.11 -10.11
C SER A 214 8.87 -16.25 -10.96
N GLY A 215 8.68 -14.97 -10.60
CA GLY A 215 7.84 -14.02 -11.37
C GLY A 215 6.81 -13.31 -10.51
N SER A 216 5.92 -12.54 -11.13
CA SER A 216 4.86 -11.76 -10.43
C SER A 216 3.53 -12.48 -10.47
N SER A 217 2.76 -12.37 -9.41
CA SER A 217 1.36 -12.84 -9.36
C SER A 217 0.43 -11.86 -10.04
N ALA A 218 -0.76 -12.32 -10.23
CA ALA A 218 -1.86 -11.45 -10.61
C ALA A 218 -2.25 -10.58 -9.42
N TRP A 219 -2.91 -9.48 -9.74
CA TRP A 219 -3.54 -8.63 -8.72
C TRP A 219 -4.59 -9.43 -7.94
N SER A 220 -4.76 -9.06 -6.68
CA SER A 220 -5.84 -9.56 -5.83
C SER A 220 -6.19 -8.46 -4.85
N PRO A 221 -7.35 -8.57 -4.21
CA PRO A 221 -7.69 -7.59 -3.19
C PRO A 221 -6.71 -7.66 -2.01
N LEU A 222 -6.47 -6.50 -1.41
CA LEU A 222 -5.82 -6.40 -0.08
C LEU A 222 -6.93 -6.03 0.89
N THR A 223 -7.33 -6.96 1.72
N THR A 223 -7.31 -6.97 1.73
CA THR A 223 -8.60 -6.85 2.45
CA THR A 223 -8.58 -6.90 2.48
C THR A 223 -8.45 -6.13 3.79
C THR A 223 -8.44 -6.14 3.80
N TYR A 224 -9.43 -5.30 4.10
CA TYR A 224 -9.63 -4.76 5.45
C TYR A 224 -10.36 -5.79 6.29
N THR A 225 -9.92 -5.98 7.53
CA THR A 225 -10.60 -6.86 8.49
C THR A 225 -10.89 -6.09 9.76
N LEU A 226 -11.78 -6.64 10.57
CA LEU A 226 -12.17 -5.97 11.81
C LEU A 226 -11.07 -6.13 12.84
N GLN A 227 -10.64 -5.01 13.43
CA GLN A 227 -9.60 -5.04 14.47
C GLN A 227 -10.06 -4.19 15.63
N GLN A 228 -9.90 -4.73 16.84
CA GLN A 228 -10.15 -3.97 18.08
C GLN A 228 -8.81 -3.54 18.65
N ARG A 229 -8.75 -2.29 19.09
CA ARG A 229 -7.53 -1.77 19.73
C ARG A 229 -7.47 -2.29 21.16
N LYS A 230 -6.43 -3.04 21.47
N LYS A 230 -6.42 -3.03 21.48
CA LYS A 230 -6.29 -3.66 22.79
CA LYS A 230 -6.27 -3.67 22.80
C LYS A 230 -5.76 -2.70 23.84
C LYS A 230 -5.74 -2.72 23.86
N GLN A 231 -4.90 -1.78 23.46
CA GLN A 231 -4.18 -0.90 24.40
C GLN A 231 -3.63 0.29 23.62
C1 EDO B . 11.90 -0.29 -0.87
O1 EDO B . 11.18 -1.09 -1.76
C2 EDO B . 13.33 -0.14 -1.26
O2 EDO B . 14.03 -1.36 -1.42
C1 EDO C . -0.01 -2.55 -20.75
O1 EDO C . 1.04 -3.49 -20.53
C2 EDO C . -0.05 -2.06 -22.13
O2 EDO C . 1.18 -1.42 -22.41
C1 EDO D . 7.76 16.90 -13.51
C1 EDO D . 8.45 16.39 -13.29
O1 EDO D . 6.72 17.84 -13.72
O1 EDO D . 7.61 15.99 -12.19
C2 EDO D . 8.05 16.09 -14.72
C2 EDO D . 7.92 16.29 -14.67
O2 EDO D . 6.98 15.23 -15.06
O2 EDO D . 6.97 15.26 -14.91
C1 EDO E . -6.06 -11.13 6.23
O1 EDO E . -5.75 -11.80 4.99
C2 EDO E . -6.87 -11.86 7.23
O2 EDO E . -6.29 -12.98 7.83
#